data_2YNY
#
_entry.id   2YNY
#
_cell.length_a   34.810
_cell.length_b   40.360
_cell.length_c   98.620
_cell.angle_alpha   90.00
_cell.angle_beta   93.51
_cell.angle_gamma   90.00
#
_symmetry.space_group_name_H-M   'P 1 21 1'
#
loop_
_entity.id
_entity.type
_entity.pdbx_description
1 polymer 'GENERAL CONTROL PROTEIN GCN4, PUTATIVE INNER MEMBRANE PROTEIN'
2 water water
#
_entity_poly.entity_id   1
_entity_poly.type   'polypeptide(L)'
_entity_poly.pdbx_seq_one_letter_code
;MKQIEDKIEEILSKIYHIENEIARIKKLIYSLSQSVADRLGGGASVNSDGTVNAPLYEVGTGIYNNVGSALSALNTSMKQ
IEDKIEEILSKIYHIENEIARIKKLI
;
_entity_poly.pdbx_strand_id   A,B,C
#
# COMPACT_ATOMS: atom_id res chain seq x y z
N MET A 1 40.28 -44.31 -10.24
CA MET A 1 40.22 -44.17 -11.73
C MET A 1 40.02 -42.70 -12.14
N LYS A 2 40.88 -42.21 -13.03
CA LYS A 2 40.88 -40.78 -13.37
C LYS A 2 39.49 -40.28 -13.77
N GLN A 3 38.78 -41.01 -14.61
CA GLN A 3 37.54 -40.51 -15.16
C GLN A 3 36.51 -40.33 -14.02
N ILE A 4 36.44 -41.24 -13.06
CA ILE A 4 35.48 -41.01 -11.98
C ILE A 4 35.97 -39.94 -11.02
N GLU A 5 37.27 -39.83 -10.76
CA GLU A 5 37.83 -38.68 -9.95
C GLU A 5 37.40 -37.36 -10.60
N ASP A 6 37.54 -37.30 -11.92
CA ASP A 6 37.23 -36.08 -12.62
C ASP A 6 35.71 -35.79 -12.59
N LYS A 7 34.88 -36.82 -12.73
CA LYS A 7 33.44 -36.65 -12.61
C LYS A 7 33.05 -36.14 -11.24
N ILE A 8 33.70 -36.68 -10.23
CA ILE A 8 33.37 -36.26 -8.88
C ILE A 8 33.74 -34.79 -8.66
N GLU A 9 34.90 -34.35 -9.16
CA GLU A 9 35.25 -32.94 -9.09
C GLU A 9 34.21 -32.10 -9.83
N GLU A 10 33.72 -32.57 -10.97
CA GLU A 10 32.74 -31.80 -11.73
C GLU A 10 31.45 -31.66 -10.93
N ILE A 11 31.02 -32.76 -10.27
CA ILE A 11 29.84 -32.75 -9.42
C ILE A 11 30.01 -31.77 -8.27
N LEU A 12 31.17 -31.81 -7.60
CA LEU A 12 31.43 -30.86 -6.50
C LEU A 12 31.34 -29.43 -7.02
N SER A 13 31.85 -29.17 -8.23
CA SER A 13 31.75 -27.82 -8.85
C SER A 13 30.29 -27.46 -9.11
N LYS A 14 29.49 -28.41 -9.55
CA LYS A 14 28.07 -28.18 -9.79
C LYS A 14 27.36 -27.82 -8.48
N ILE A 15 27.74 -28.50 -7.40
CA ILE A 15 27.21 -28.20 -6.11
C ILE A 15 27.56 -26.81 -5.63
N TYR A 16 28.77 -26.36 -5.87
CA TYR A 16 29.23 -25.01 -5.54
C TYR A 16 28.39 -23.99 -6.33
N HIS A 17 28.17 -24.27 -7.62
CA HIS A 17 27.32 -23.39 -8.42
C HIS A 17 25.92 -23.26 -7.86
N ILE A 18 25.36 -24.38 -7.41
CA ILE A 18 24.04 -24.43 -6.85
C ILE A 18 24.01 -23.62 -5.56
N GLU A 19 25.02 -23.73 -4.72
CA GLU A 19 25.05 -23.01 -3.50
C GLU A 19 25.11 -21.50 -3.76
N ASN A 20 25.84 -21.11 -4.80
CA ASN A 20 25.91 -19.73 -5.20
C ASN A 20 24.52 -19.26 -5.66
N GLU A 21 23.79 -20.09 -6.40
CA GLU A 21 22.49 -19.74 -6.89
C GLU A 21 21.52 -19.60 -5.75
N ILE A 22 21.61 -20.46 -4.73
CA ILE A 22 20.72 -20.36 -3.56
C ILE A 22 20.97 -19.03 -2.83
N ALA A 23 22.24 -18.66 -2.69
CA ALA A 23 22.65 -17.36 -2.08
C ALA A 23 22.02 -16.20 -2.87
N ARG A 24 22.10 -16.27 -4.20
CA ARG A 24 21.54 -15.23 -5.09
C ARG A 24 20.04 -15.14 -4.88
N ILE A 25 19.35 -16.27 -4.81
CA ILE A 25 17.92 -16.31 -4.57
C ILE A 25 17.55 -15.67 -3.27
N LYS A 26 18.30 -15.96 -2.23
CA LYS A 26 18.04 -15.33 -0.92
C LYS A 26 18.14 -13.80 -1.05
N LYS A 27 19.17 -13.33 -1.73
CA LYS A 27 19.36 -11.90 -1.95
C LYS A 27 18.14 -11.36 -2.75
N LEU A 28 17.68 -12.09 -3.74
CA LEU A 28 16.49 -11.70 -4.55
C LEU A 28 15.25 -11.50 -3.68
N ILE A 29 15.05 -12.40 -2.72
CA ILE A 29 13.88 -12.36 -1.86
C ILE A 29 13.95 -11.07 -1.01
N TYR A 30 15.13 -10.80 -0.45
CA TYR A 30 15.33 -9.62 0.38
C TYR A 30 15.23 -8.34 -0.43
N SER A 31 15.61 -8.39 -1.70
CA SER A 31 15.43 -7.23 -2.57
C SER A 31 13.97 -6.98 -2.90
N LEU A 32 13.24 -8.05 -3.13
CA LEU A 32 11.76 -7.98 -3.26
C LEU A 32 11.14 -7.40 -2.01
N SER A 33 11.53 -7.86 -0.84
CA SER A 33 10.98 -7.37 0.38
C SER A 33 11.21 -5.87 0.48
N GLN A 34 12.44 -5.43 0.18
CA GLN A 34 12.78 -4.02 0.25
C GLN A 34 11.87 -3.24 -0.70
N SER A 35 11.69 -3.71 -1.93
CA SER A 35 10.85 -2.98 -2.86
C SER A 35 9.43 -2.87 -2.33
N VAL A 36 8.93 -3.90 -1.67
CA VAL A 36 7.57 -3.82 -1.10
C VAL A 36 7.52 -2.83 0.03
N ALA A 37 8.53 -2.84 0.88
CA ALA A 37 8.60 -1.81 1.92
C ALA A 37 8.60 -0.45 1.32
N ASP A 38 9.39 -0.24 0.27
CA ASP A 38 9.49 1.08 -0.39
C ASP A 38 8.09 1.45 -0.93
N ARG A 39 7.41 0.51 -1.56
CA ARG A 39 6.15 0.88 -2.22
C ARG A 39 5.02 1.10 -1.20
N LEU A 40 5.10 0.46 -0.02
CA LEU A 40 4.14 0.70 1.04
C LEU A 40 4.40 2.09 1.68
N GLY A 41 5.63 2.46 1.76
CA GLY A 41 6.00 3.70 2.42
C GLY A 41 5.66 3.66 3.91
N GLY A 42 5.40 4.83 4.50
CA GLY A 42 5.05 4.90 5.87
C GLY A 42 6.12 4.38 6.83
N GLY A 43 7.37 4.41 6.39
CA GLY A 43 8.45 3.95 7.22
C GLY A 43 8.59 2.43 7.29
N ALA A 44 7.88 1.68 6.44
CA ALA A 44 8.04 0.23 6.38
C ALA A 44 9.53 -0.08 6.08
N SER A 45 10.02 -1.24 6.52
CA SER A 45 11.41 -1.61 6.28
C SER A 45 11.45 -3.12 6.31
N VAL A 46 12.61 -3.66 5.97
CA VAL A 46 12.82 -5.14 5.91
C VAL A 46 13.36 -5.60 7.24
N ASN A 47 12.72 -6.63 7.76
CA ASN A 47 13.18 -7.31 9.00
C ASN A 47 14.41 -8.20 8.65
N SER A 48 15.20 -8.52 9.66
CA SER A 48 16.29 -9.49 9.45
CA SER A 48 16.28 -9.53 9.53
C SER A 48 15.76 -10.81 8.91
N ASP A 49 14.50 -11.16 9.24
CA ASP A 49 13.86 -12.40 8.76
C ASP A 49 13.20 -12.33 7.38
N GLY A 50 13.44 -11.21 6.70
CA GLY A 50 12.99 -10.98 5.33
C GLY A 50 11.55 -10.45 5.26
N THR A 51 10.75 -10.48 6.36
CA THR A 51 9.39 -9.96 6.32
C THR A 51 9.43 -8.41 6.31
N VAL A 52 8.29 -7.80 5.97
CA VAL A 52 8.17 -6.36 5.94
C VAL A 52 7.63 -5.87 7.29
N ASN A 53 8.43 -5.03 7.95
CA ASN A 53 8.06 -4.37 9.21
C ASN A 53 6.89 -3.39 8.95
N ALA A 54 6.04 -3.18 9.92
CA ALA A 54 4.82 -2.43 9.68
C ALA A 54 5.09 -0.98 9.36
N PRO A 55 4.30 -0.44 8.42
CA PRO A 55 4.32 1.01 8.22
C PRO A 55 3.59 1.66 9.39
N LEU A 56 3.69 2.98 9.44
CA LEU A 56 2.94 3.82 10.36
C LEU A 56 2.28 4.94 9.54
N TYR A 57 0.98 4.79 9.29
CA TYR A 57 0.22 5.70 8.50
C TYR A 57 -0.65 6.56 9.45
N GLU A 58 -0.62 7.87 9.29
CA GLU A 58 -1.44 8.79 10.13
C GLU A 58 -2.70 9.17 9.39
N VAL A 59 -3.79 9.07 10.09
CA VAL A 59 -5.03 9.65 9.63
C VAL A 59 -5.70 10.32 10.78
N GLY A 60 -5.75 11.65 10.73
CA GLY A 60 -6.24 12.41 11.90
C GLY A 60 -5.36 12.07 13.07
N THR A 61 -5.99 11.73 14.19
CA THR A 61 -5.28 11.38 15.41
C THR A 61 -4.98 9.91 15.54
N GLY A 62 -5.36 9.09 14.57
CA GLY A 62 -5.00 7.69 14.63
C GLY A 62 -3.73 7.37 13.88
N ILE A 63 -3.10 6.27 14.28
CA ILE A 63 -2.01 5.70 13.51
C ILE A 63 -2.38 4.25 13.16
N TYR A 64 -1.97 3.85 11.96
CA TYR A 64 -2.46 2.63 11.34
C TYR A 64 -1.26 1.81 10.79
N ASN A 65 -1.34 0.48 11.00
CA ASN A 65 -0.27 -0.41 10.61
C ASN A 65 -0.52 -1.19 9.34
N ASN A 66 -1.58 -0.84 8.62
CA ASN A 66 -1.90 -1.52 7.40
C ASN A 66 -2.73 -0.55 6.53
N VAL A 67 -2.68 -0.78 5.23
CA VAL A 67 -3.29 0.12 4.27
C VAL A 67 -4.84 0.15 4.47
N GLY A 68 -5.50 -1.00 4.60
CA GLY A 68 -6.96 -1.05 4.75
C GLY A 68 -7.46 -0.20 5.89
N SER A 69 -6.82 -0.28 7.05
CA SER A 69 -7.33 0.51 8.18
C SER A 69 -7.15 2.01 7.93
N ALA A 70 -6.04 2.38 7.29
CA ALA A 70 -5.81 3.78 6.98
C ALA A 70 -6.91 4.26 5.97
N LEU A 71 -7.18 3.46 4.93
CA LEU A 71 -8.22 3.83 3.93
C LEU A 71 -9.55 3.96 4.66
N SER A 72 -9.82 3.06 5.60
CA SER A 72 -11.08 3.09 6.33
C SER A 72 -11.19 4.39 7.15
N ALA A 73 -10.10 4.80 7.81
CA ALA A 73 -10.11 6.01 8.61
C ALA A 73 -10.35 7.19 7.71
N LEU A 74 -9.76 7.21 6.51
CA LEU A 74 -9.96 8.33 5.59
C LEU A 74 -11.41 8.37 5.08
N ASN A 75 -11.97 7.21 4.83
CA ASN A 75 -13.32 7.12 4.33
C ASN A 75 -14.31 7.68 5.42
N THR A 76 -14.09 7.30 6.68
CA THR A 76 -14.90 7.83 7.76
C THR A 76 -14.77 9.35 7.84
N SER A 77 -13.53 9.82 7.83
CA SER A 77 -13.29 11.26 7.93
C SER A 77 -13.95 12.05 6.82
N MET A 78 -13.92 11.47 5.64
CA MET A 78 -14.53 12.05 4.51
C MET A 78 -16.05 12.13 4.68
N LYS A 79 -16.70 11.07 5.15
CA LYS A 79 -18.10 11.06 5.40
C LYS A 79 -18.47 12.11 6.45
N GLN A 80 -17.65 12.25 7.49
CA GLN A 80 -17.85 13.29 8.48
C GLN A 80 -17.82 14.70 7.88
N ILE A 81 -16.90 14.92 6.98
CA ILE A 81 -16.79 16.17 6.30
C ILE A 81 -18.03 16.41 5.43
N GLU A 82 -18.45 15.39 4.69
CA GLU A 82 -19.61 15.54 3.85
C GLU A 82 -20.83 15.93 4.66
N ASP A 83 -20.97 15.37 5.86
CA ASP A 83 -22.12 15.64 6.72
C ASP A 83 -22.08 17.07 7.26
N LYS A 84 -20.88 17.56 7.52
CA LYS A 84 -20.71 18.92 7.96
C LYS A 84 -21.05 19.87 6.83
N ILE A 85 -20.60 19.58 5.63
CA ILE A 85 -20.95 20.38 4.44
C ILE A 85 -22.48 20.46 4.27
N GLU A 86 -23.17 19.34 4.40
CA GLU A 86 -24.66 19.31 4.27
C GLU A 86 -25.26 20.30 5.24
N GLU A 87 -24.78 20.27 6.49
CA GLU A 87 -25.29 21.19 7.56
C GLU A 87 -25.08 22.63 7.10
N ILE A 88 -23.90 22.90 6.59
CA ILE A 88 -23.52 24.25 6.09
C ILE A 88 -24.43 24.68 4.96
N LEU A 89 -24.75 23.77 4.07
CA LEU A 89 -25.63 24.14 2.96
C LEU A 89 -27.02 24.52 3.48
N SER A 90 -27.47 23.84 4.51
CA SER A 90 -28.74 24.17 5.13
C SER A 90 -28.66 25.57 5.76
N LYS A 91 -27.57 25.89 6.44
CA LYS A 91 -27.44 27.22 7.07
C LYS A 91 -27.48 28.31 6.00
N ILE A 92 -26.80 28.06 4.90
CA ILE A 92 -26.79 29.04 3.82
C ILE A 92 -28.17 29.26 3.20
N TYR A 93 -28.88 28.18 3.00
CA TYR A 93 -30.26 28.23 2.54
C TYR A 93 -31.08 29.23 3.35
N HIS A 94 -31.05 29.09 4.67
CA HIS A 94 -31.87 29.90 5.52
C HIS A 94 -31.34 31.37 5.53
N ILE A 95 -30.02 31.57 5.57
CA ILE A 95 -29.46 32.92 5.53
C ILE A 95 -29.88 33.67 4.27
N GLU A 96 -29.83 32.99 3.13
CA GLU A 96 -30.23 33.62 1.88
C GLU A 96 -31.70 34.04 1.92
N ASN A 97 -32.54 33.16 2.43
CA ASN A 97 -33.97 33.47 2.54
C ASN A 97 -34.18 34.67 3.46
N GLU A 98 -33.43 34.78 4.55
CA GLU A 98 -33.53 35.98 5.44
C GLU A 98 -33.14 37.22 4.74
N ILE A 99 -32.08 37.17 3.97
CA ILE A 99 -31.60 38.36 3.26
C ILE A 99 -32.64 38.81 2.21
N ALA A 100 -33.23 37.86 1.49
CA ALA A 100 -34.28 38.20 0.56
C ALA A 100 -35.45 38.90 1.25
N ARG A 101 -35.79 38.43 2.44
CA ARG A 101 -36.89 39.04 3.21
C ARG A 101 -36.52 40.44 3.68
N ILE A 102 -35.28 40.65 4.06
CA ILE A 102 -34.82 41.99 4.50
C ILE A 102 -34.91 42.99 3.35
N LYS A 103 -34.49 42.53 2.18
CA LYS A 103 -34.50 43.34 0.98
C LYS A 103 -35.96 43.76 0.64
N LYS A 104 -36.97 42.96 1.05
CA LYS A 104 -38.39 43.32 0.86
C LYS A 104 -38.74 44.53 1.70
N LEU A 105 -38.25 44.50 2.95
CA LEU A 105 -38.63 45.46 3.99
C LEU A 105 -37.84 46.75 3.93
N ILE A 106 -36.93 46.88 2.97
CA ILE A 106 -36.21 48.16 2.77
C ILE A 106 -36.47 48.74 1.35
N GLN B 3 29.82 -50.34 -7.81
CA GLN B 3 28.70 -49.55 -7.22
C GLN B 3 29.00 -48.04 -7.09
N ILE B 4 30.25 -47.58 -7.25
CA ILE B 4 30.52 -46.13 -7.25
C ILE B 4 29.66 -45.46 -8.34
N GLU B 5 29.52 -46.11 -9.49
CA GLU B 5 28.78 -45.51 -10.63
C GLU B 5 27.28 -45.41 -10.27
N ASP B 6 26.83 -46.36 -9.45
CA ASP B 6 25.45 -46.33 -8.94
C ASP B 6 25.27 -45.14 -7.99
N LYS B 7 26.27 -44.91 -7.14
CA LYS B 7 26.21 -43.79 -6.19
C LYS B 7 26.23 -42.48 -6.96
N ILE B 8 27.04 -42.41 -8.02
CA ILE B 8 27.08 -41.20 -8.87
C ILE B 8 25.70 -40.96 -9.51
N GLU B 9 25.07 -42.04 -9.97
CA GLU B 9 23.77 -41.99 -10.65
C GLU B 9 22.76 -41.37 -9.68
N GLU B 10 22.81 -41.83 -8.44
CA GLU B 10 21.88 -41.39 -7.40
C GLU B 10 22.08 -39.89 -7.03
N ILE B 11 23.34 -39.51 -6.95
CA ILE B 11 23.73 -38.13 -6.77
C ILE B 11 23.17 -37.26 -7.89
N LEU B 12 23.37 -37.66 -9.15
CA LEU B 12 22.99 -36.83 -10.29
C LEU B 12 21.47 -36.64 -10.33
N SER B 13 20.75 -37.67 -9.91
CA SER B 13 19.30 -37.65 -9.75
C SER B 13 18.81 -36.62 -8.70
N LYS B 14 19.48 -36.63 -7.54
CA LYS B 14 19.18 -35.68 -6.47
C LYS B 14 19.47 -34.27 -6.95
N ILE B 15 20.51 -34.10 -7.77
CA ILE B 15 20.92 -32.77 -8.26
C ILE B 15 19.83 -32.30 -9.25
N TYR B 16 19.36 -33.20 -10.10
CA TYR B 16 18.29 -32.92 -11.04
C TYR B 16 17.07 -32.36 -10.30
N HIS B 17 16.69 -33.03 -9.22
CA HIS B 17 15.56 -32.59 -8.46
C HIS B 17 15.80 -31.24 -7.83
N ILE B 18 16.98 -31.02 -7.30
CA ILE B 18 17.32 -29.71 -6.70
C ILE B 18 17.22 -28.60 -7.74
N GLU B 19 17.75 -28.85 -8.93
CA GLU B 19 17.66 -27.82 -9.98
C GLU B 19 16.21 -27.48 -10.32
N ASN B 20 15.36 -28.48 -10.27
CA ASN B 20 13.89 -28.28 -10.42
C ASN B 20 13.28 -27.45 -9.30
N GLU B 21 13.66 -27.72 -8.07
CA GLU B 21 13.11 -26.98 -6.97
C GLU B 21 13.60 -25.51 -7.02
N ILE B 22 14.81 -25.27 -7.47
CA ILE B 22 15.33 -23.92 -7.62
C ILE B 22 14.54 -23.14 -8.68
N ALA B 23 14.28 -23.74 -9.82
CA ALA B 23 13.46 -23.16 -10.86
C ALA B 23 12.03 -22.86 -10.32
N ARG B 24 11.46 -23.82 -9.54
CA ARG B 24 10.16 -23.65 -8.90
C ARG B 24 10.18 -22.45 -7.95
N ILE B 25 11.24 -22.34 -7.18
CA ILE B 25 11.37 -21.24 -6.22
C ILE B 25 11.42 -19.89 -6.93
N LYS B 26 12.17 -19.79 -8.01
CA LYS B 26 12.19 -18.56 -8.77
C LYS B 26 10.82 -18.18 -9.28
N LYS B 27 10.08 -19.15 -9.77
CA LYS B 27 8.71 -18.93 -10.25
C LYS B 27 7.80 -18.40 -9.12
N LEU B 28 8.00 -18.97 -7.92
CA LEU B 28 7.19 -18.58 -6.76
C LEU B 28 7.47 -17.09 -6.46
N ILE B 29 8.73 -16.69 -6.49
CA ILE B 29 9.15 -15.33 -6.17
C ILE B 29 8.53 -14.32 -7.15
N TYR B 30 8.62 -14.64 -8.45
CA TYR B 30 8.07 -13.77 -9.46
C TYR B 30 6.52 -13.73 -9.41
N SER B 31 5.89 -14.85 -9.09
CA SER B 31 4.46 -14.88 -8.83
C SER B 31 4.04 -14.00 -7.63
N LEU B 32 4.75 -14.11 -6.55
CA LEU B 32 4.48 -13.25 -5.41
C LEU B 32 4.61 -11.77 -5.84
N SER B 33 5.70 -11.44 -6.50
CA SER B 33 5.93 -10.07 -6.93
C SER B 33 4.75 -9.56 -7.79
N GLN B 34 4.29 -10.38 -8.73
CA GLN B 34 3.17 -9.97 -9.57
C GLN B 34 1.93 -9.70 -8.71
N SER B 35 1.68 -10.56 -7.74
CA SER B 35 0.52 -10.40 -6.89
CA SER B 35 0.57 -10.43 -6.83
C SER B 35 0.63 -9.14 -6.08
N VAL B 36 1.83 -8.78 -5.64
CA VAL B 36 2.02 -7.54 -4.90
C VAL B 36 1.75 -6.35 -5.86
N ALA B 37 2.29 -6.42 -7.07
CA ALA B 37 2.02 -5.37 -8.06
C ALA B 37 0.50 -5.20 -8.28
N ASP B 38 -0.22 -6.29 -8.41
CA ASP B 38 -1.67 -6.24 -8.60
C ASP B 38 -2.37 -5.62 -7.37
N ARG B 39 -1.91 -5.96 -6.18
CA ARG B 39 -2.53 -5.43 -4.96
C ARG B 39 -2.25 -3.93 -4.77
N LEU B 40 -1.09 -3.48 -5.22
CA LEU B 40 -0.76 -2.05 -5.15
C LEU B 40 -1.56 -1.26 -6.20
N GLY B 41 -1.81 -1.85 -7.34
CA GLY B 41 -2.43 -1.10 -8.44
C GLY B 41 -1.52 0.07 -8.86
N GLY B 42 -2.13 1.10 -9.45
CA GLY B 42 -1.43 2.26 -9.83
C GLY B 42 -0.39 1.99 -10.90
N GLY B 43 -0.59 0.91 -11.70
CA GLY B 43 0.47 0.66 -12.70
C GLY B 43 1.73 -0.03 -12.19
N ALA B 44 1.77 -0.43 -10.95
CA ALA B 44 2.90 -1.17 -10.45
C ALA B 44 3.05 -2.45 -11.31
N SER B 45 4.31 -2.85 -11.47
CA SER B 45 4.60 -4.03 -12.31
C SER B 45 5.80 -4.78 -11.73
N VAL B 46 6.03 -5.99 -12.24
CA VAL B 46 7.16 -6.79 -11.85
C VAL B 46 8.34 -6.44 -12.72
N ASN B 47 9.44 -6.13 -12.04
CA ASN B 47 10.71 -5.90 -12.67
C ASN B 47 11.34 -7.26 -13.04
N SER B 48 12.08 -7.24 -14.17
CA SER B 48 12.98 -8.32 -14.60
C SER B 48 13.76 -8.92 -13.42
N ASP B 49 14.19 -8.05 -12.47
CA ASP B 49 15.03 -8.47 -11.34
C ASP B 49 14.24 -9.01 -10.16
N GLY B 50 12.92 -9.09 -10.30
CA GLY B 50 12.04 -9.67 -9.29
C GLY B 50 11.37 -8.66 -8.40
N THR B 51 11.88 -7.44 -8.34
CA THR B 51 11.36 -6.41 -7.48
C THR B 51 10.03 -5.85 -8.10
N VAL B 52 9.27 -5.08 -7.26
CA VAL B 52 8.02 -4.44 -7.70
C VAL B 52 8.39 -2.99 -8.12
N ASN B 53 8.20 -2.66 -9.38
CA ASN B 53 8.30 -1.31 -9.90
C ASN B 53 7.19 -0.46 -9.26
N ALA B 54 7.42 0.81 -9.02
CA ALA B 54 6.56 1.62 -8.16
C ALA B 54 5.24 1.91 -8.85
N PRO B 55 4.15 2.03 -8.06
CA PRO B 55 2.86 2.54 -8.51
C PRO B 55 2.97 4.04 -8.73
N LEU B 56 1.95 4.57 -9.40
CA LEU B 56 1.71 6.00 -9.53
C LEU B 56 0.30 6.27 -9.00
N TYR B 57 0.24 7.10 -7.96
CA TYR B 57 -1.00 7.47 -7.34
C TYR B 57 -1.15 9.00 -7.40
N GLU B 58 -2.34 9.47 -7.79
CA GLU B 58 -2.63 10.88 -7.88
C GLU B 58 -3.49 11.29 -6.70
N VAL B 59 -3.07 12.33 -5.99
CA VAL B 59 -3.90 12.93 -4.91
C VAL B 59 -3.83 14.43 -5.15
N GLY B 60 -4.97 15.03 -5.37
CA GLY B 60 -4.93 16.47 -5.51
C GLY B 60 -4.12 16.77 -6.73
N THR B 61 -3.25 17.77 -6.59
CA THR B 61 -2.43 18.12 -7.72
C THR B 61 -1.11 17.25 -7.86
N GLY B 62 -0.98 16.27 -6.97
CA GLY B 62 0.28 15.60 -6.72
C GLY B 62 0.40 14.24 -7.33
N ILE B 63 1.61 13.75 -7.26
CA ILE B 63 1.99 12.50 -7.87
C ILE B 63 2.87 11.78 -6.87
N TYR B 64 2.48 10.57 -6.53
CA TYR B 64 3.10 9.80 -5.47
C TYR B 64 3.42 8.37 -5.94
N ASN B 65 4.50 7.85 -5.41
CA ASN B 65 5.02 6.54 -5.87
C ASN B 65 5.01 5.49 -4.79
N ASN B 66 4.28 5.76 -3.70
CA ASN B 66 4.17 4.81 -2.60
C ASN B 66 2.90 5.11 -1.83
N VAL B 67 2.42 4.11 -1.12
CA VAL B 67 1.13 4.21 -0.51
C VAL B 67 1.12 5.27 0.60
N GLY B 68 2.11 5.24 1.48
CA GLY B 68 2.16 6.16 2.59
C GLY B 68 2.11 7.62 2.16
N SER B 69 2.81 7.98 1.10
CA SER B 69 2.84 9.39 0.64
C SER B 69 1.46 9.76 0.15
N ALA B 70 0.78 8.91 -0.59
CA ALA B 70 -0.58 9.17 -1.04
C ALA B 70 -1.57 9.29 0.11
N LEU B 71 -1.43 8.39 1.12
CA LEU B 71 -2.29 8.47 2.29
C LEU B 71 -2.10 9.79 3.02
N SER B 72 -0.86 10.19 3.16
CA SER B 72 -0.49 11.42 3.84
C SER B 72 -1.01 12.63 3.06
N ALA B 73 -0.95 12.56 1.77
CA ALA B 73 -1.46 13.67 0.93
C ALA B 73 -2.99 13.76 1.13
N LEU B 74 -3.69 12.63 1.22
CA LEU B 74 -5.10 12.67 1.43
C LEU B 74 -5.44 13.21 2.83
N ASN B 75 -4.68 12.79 3.82
CA ASN B 75 -4.86 13.21 5.22
C ASN B 75 -4.71 14.74 5.28
N THR B 76 -3.68 15.25 4.67
CA THR B 76 -3.42 16.68 4.63
C THR B 76 -4.52 17.44 3.87
N SER B 77 -5.01 16.90 2.77
CA SER B 77 -6.11 17.54 2.05
C SER B 77 -7.35 17.61 2.89
N MET B 78 -7.59 16.58 3.68
CA MET B 78 -8.71 16.58 4.62
C MET B 78 -8.53 17.64 5.72
N LYS B 79 -7.34 17.79 6.22
CA LYS B 79 -7.06 18.81 7.21
C LYS B 79 -7.27 20.20 6.62
N GLN B 80 -6.92 20.39 5.36
CA GLN B 80 -7.05 21.67 4.71
C GLN B 80 -8.54 22.00 4.53
N ILE B 81 -9.33 20.99 4.19
CA ILE B 81 -10.78 21.14 4.11
C ILE B 81 -11.36 21.49 5.48
N GLU B 82 -10.98 20.79 6.56
CA GLU B 82 -11.42 21.11 7.89
C GLU B 82 -11.10 22.58 8.24
N ASP B 83 -9.94 23.05 7.79
CA ASP B 83 -9.54 24.45 7.97
C ASP B 83 -10.51 25.40 7.27
N LYS B 84 -10.89 25.07 6.07
CA LYS B 84 -11.82 25.89 5.33
C LYS B 84 -13.24 25.84 5.97
N ILE B 85 -13.66 24.69 6.54
CA ILE B 85 -14.86 24.60 7.28
C ILE B 85 -14.81 25.51 8.53
N GLU B 86 -13.71 25.53 9.22
CA GLU B 86 -13.51 26.44 10.36
C GLU B 86 -13.79 27.86 9.92
N GLU B 87 -13.23 28.22 8.77
CA GLU B 87 -13.35 29.54 8.28
C GLU B 87 -14.81 29.87 7.93
N ILE B 88 -15.46 28.95 7.25
CA ILE B 88 -16.85 29.09 6.90
C ILE B 88 -17.72 29.25 8.15
N LEU B 89 -17.51 28.48 9.20
CA LEU B 89 -18.32 28.59 10.39
C LEU B 89 -18.16 29.95 11.04
N SER B 90 -16.96 30.44 11.02
CA SER B 90 -16.67 31.78 11.54
C SER B 90 -17.39 32.83 10.71
N LYS B 91 -17.29 32.73 9.39
CA LYS B 91 -17.97 33.69 8.56
C LYS B 91 -19.51 33.65 8.80
N ILE B 92 -20.10 32.45 8.97
CA ILE B 92 -21.51 32.30 9.24
C ILE B 92 -21.87 32.97 10.58
N TYR B 93 -21.05 32.76 11.60
CA TYR B 93 -21.23 33.37 12.91
C TYR B 93 -21.41 34.92 12.74
N HIS B 94 -20.51 35.54 12.01
CA HIS B 94 -20.50 36.95 11.85
C HIS B 94 -21.68 37.42 10.96
N ILE B 95 -21.93 36.72 9.86
CA ILE B 95 -23.03 37.06 8.98
C ILE B 95 -24.32 37.05 9.78
N GLU B 96 -24.55 35.97 10.54
CA GLU B 96 -25.80 35.87 11.32
C GLU B 96 -25.93 37.01 12.33
N ASN B 97 -24.83 37.41 12.92
CA ASN B 97 -24.87 38.49 13.88
C ASN B 97 -25.26 39.79 13.18
N GLU B 98 -24.72 39.97 12.00
CA GLU B 98 -25.01 41.21 11.26
C GLU B 98 -26.45 41.26 10.82
N ILE B 99 -26.98 40.15 10.35
CA ILE B 99 -28.36 40.00 9.95
C ILE B 99 -29.25 40.34 11.16
N ALA B 100 -28.93 39.82 12.35
CA ALA B 100 -29.78 40.07 13.54
C ALA B 100 -29.77 41.57 13.84
N ARG B 101 -28.61 42.20 13.75
CA ARG B 101 -28.50 43.64 14.01
C ARG B 101 -29.33 44.43 12.98
N ILE B 102 -29.20 44.12 11.71
CA ILE B 102 -30.00 44.79 10.67
C ILE B 102 -31.52 44.72 10.96
N LYS B 103 -31.98 43.54 11.38
CA LYS B 103 -33.43 43.35 11.63
C LYS B 103 -33.93 44.25 12.80
N LYS B 104 -33.04 44.59 13.73
CA LYS B 104 -33.37 45.52 14.84
CA LYS B 104 -33.39 45.51 14.84
C LYS B 104 -33.42 46.96 14.39
N LEU B 105 -32.86 47.24 13.22
CA LEU B 105 -32.70 48.62 12.75
C LEU B 105 -33.59 49.01 11.59
N ILE B 106 -34.32 48.05 11.05
CA ILE B 106 -35.20 48.33 9.91
C ILE B 106 -36.67 48.22 10.30
N LYS C 2 37.80 -46.29 -1.43
CA LYS C 2 38.25 -45.72 -0.13
C LYS C 2 38.24 -44.18 -0.16
N GLN C 3 39.21 -43.53 -0.83
CA GLN C 3 39.21 -42.03 -0.91
C GLN C 3 38.08 -41.41 -1.73
N ILE C 4 37.78 -42.03 -2.86
CA ILE C 4 36.61 -41.62 -3.67
C ILE C 4 35.36 -41.59 -2.82
N GLU C 5 35.32 -42.50 -1.87
CA GLU C 5 34.17 -42.58 -1.00
C GLU C 5 34.09 -41.34 -0.07
N ASP C 6 35.18 -40.74 0.37
CA ASP C 6 35.13 -39.50 1.16
C ASP C 6 34.44 -38.38 0.36
N LYS C 7 34.73 -38.28 -0.93
CA LYS C 7 34.13 -37.31 -1.88
CA LYS C 7 34.11 -37.25 -1.76
C LYS C 7 32.64 -37.56 -2.05
N ILE C 8 32.26 -38.84 -2.19
CA ILE C 8 30.85 -39.18 -2.38
C ILE C 8 30.06 -38.80 -1.13
N GLU C 9 30.64 -39.07 0.02
CA GLU C 9 29.97 -38.70 1.26
C GLU C 9 29.84 -37.18 1.40
N GLU C 10 30.86 -36.44 1.00
CA GLU C 10 30.78 -34.96 0.98
C GLU C 10 29.61 -34.52 0.10
N ILE C 11 29.54 -35.06 -1.10
CA ILE C 11 28.49 -34.65 -2.04
C ILE C 11 27.12 -34.94 -1.44
N LEU C 12 26.92 -36.15 -0.92
CA LEU C 12 25.61 -36.47 -0.31
C LEU C 12 25.28 -35.54 0.86
N SER C 13 26.27 -35.22 1.69
CA SER C 13 26.07 -34.31 2.81
C SER C 13 25.63 -32.93 2.31
N LYS C 14 26.33 -32.41 1.31
CA LYS C 14 25.96 -31.15 0.66
C LYS C 14 24.56 -31.13 0.12
N ILE C 15 24.18 -32.23 -0.56
CA ILE C 15 22.82 -32.34 -1.14
C ILE C 15 21.82 -32.26 0.01
N TYR C 16 22.06 -32.98 1.10
CA TYR C 16 21.15 -32.92 2.24
C TYR C 16 20.97 -31.47 2.73
N HIS C 17 22.06 -30.77 2.92
CA HIS C 17 21.99 -29.42 3.42
CA HIS C 17 22.07 -29.36 3.37
C HIS C 17 21.34 -28.46 2.41
N ILE C 18 21.57 -28.66 1.13
CA ILE C 18 20.93 -27.85 0.12
C ILE C 18 19.43 -28.08 0.14
N GLU C 19 18.97 -29.32 0.33
CA GLU C 19 17.56 -29.61 0.42
CA GLU C 19 17.54 -29.58 0.41
C GLU C 19 16.95 -28.86 1.62
N ASN C 20 17.70 -28.79 2.72
CA ASN C 20 17.27 -28.01 3.90
CA ASN C 20 17.25 -28.01 3.87
C ASN C 20 17.16 -26.54 3.54
N GLU C 21 18.14 -26.03 2.82
CA GLU C 21 18.17 -24.58 2.44
C GLU C 21 16.98 -24.24 1.55
N ILE C 22 16.67 -25.15 0.63
CA ILE C 22 15.52 -25.00 -0.25
C ILE C 22 14.20 -24.92 0.57
N ALA C 23 14.05 -25.79 1.58
CA ALA C 23 12.86 -25.79 2.39
C ALA C 23 12.76 -24.47 3.19
N ARG C 24 13.92 -23.97 3.65
CA ARG C 24 14.00 -22.73 4.40
C ARG C 24 13.65 -21.53 3.54
N ILE C 25 14.14 -21.52 2.32
CA ILE C 25 13.85 -20.45 1.36
C ILE C 25 12.31 -20.44 1.07
N LYS C 26 11.70 -21.60 0.88
CA LYS C 26 10.24 -21.67 0.67
C LYS C 26 9.48 -21.06 1.88
N LYS C 27 9.90 -21.40 3.08
CA LYS C 27 9.29 -20.86 4.26
C LYS C 27 9.45 -19.33 4.35
N LEU C 28 10.61 -18.83 3.92
CA LEU C 28 10.91 -17.43 3.94
C LEU C 28 9.95 -16.70 2.99
N ILE C 29 9.76 -17.25 1.82
CA ILE C 29 8.88 -16.66 0.82
C ILE C 29 7.44 -16.54 1.36
N TYR C 30 6.95 -17.63 1.94
CA TYR C 30 5.61 -17.63 2.48
C TYR C 30 5.46 -16.67 3.67
N SER C 31 6.48 -16.51 4.47
CA SER C 31 6.49 -15.60 5.60
CA SER C 31 6.42 -15.61 5.58
C SER C 31 6.43 -14.18 5.04
N LEU C 32 7.15 -13.92 3.98
CA LEU C 32 7.16 -12.59 3.31
C LEU C 32 5.72 -12.35 2.80
N SER C 33 5.12 -13.30 2.11
CA SER C 33 3.75 -13.20 1.57
CA SER C 33 3.81 -13.10 1.55
C SER C 33 2.81 -12.80 2.68
N GLN C 34 2.89 -13.50 3.79
CA GLN C 34 1.94 -13.25 4.90
C GLN C 34 2.17 -11.81 5.40
N SER C 35 3.42 -11.36 5.52
CA SER C 35 3.70 -10.02 6.02
CA SER C 35 3.73 -10.06 5.97
C SER C 35 3.09 -9.01 5.03
N VAL C 36 3.18 -9.25 3.73
CA VAL C 36 2.60 -8.36 2.76
C VAL C 36 1.05 -8.29 2.97
N ALA C 37 0.42 -9.44 3.08
CA ALA C 37 -1.03 -9.51 3.31
C ALA C 37 -1.37 -8.72 4.58
N ASP C 38 -0.58 -8.85 5.64
CA ASP C 38 -0.82 -8.17 6.87
C ASP C 38 -0.72 -6.63 6.62
N ARG C 39 0.27 -6.17 5.92
CA ARG C 39 0.43 -4.72 5.79
C ARG C 39 -0.58 -4.13 4.76
N LEU C 40 -1.09 -4.94 3.83
CA LEU C 40 -2.20 -4.49 2.97
C LEU C 40 -3.52 -4.39 3.70
N GLY C 41 -3.73 -5.28 4.65
CA GLY C 41 -4.98 -5.32 5.34
C GLY C 41 -6.17 -5.64 4.45
N GLY C 42 -7.34 -5.19 4.89
CA GLY C 42 -8.54 -5.35 4.13
C GLY C 42 -8.97 -6.81 3.95
N GLY C 43 -8.46 -7.73 4.76
CA GLY C 43 -8.77 -9.15 4.59
C GLY C 43 -7.88 -9.88 3.56
N ALA C 44 -6.87 -9.21 3.01
CA ALA C 44 -5.94 -9.86 2.12
C ALA C 44 -5.34 -11.06 2.88
N SER C 45 -5.15 -12.13 2.16
CA SER C 45 -4.57 -13.38 2.70
C SER C 45 -3.60 -14.04 1.70
N VAL C 46 -3.07 -15.21 2.09
CA VAL C 46 -2.03 -15.90 1.31
C VAL C 46 -2.60 -17.15 0.71
N ASN C 47 -2.40 -17.29 -0.58
CA ASN C 47 -2.74 -18.50 -1.26
C ASN C 47 -1.67 -19.60 -1.08
N SER C 48 -2.00 -20.82 -1.44
CA SER C 48 -1.01 -21.91 -1.34
C SER C 48 0.15 -21.76 -2.30
N ASP C 49 -0.02 -20.98 -3.38
CA ASP C 49 1.06 -20.67 -4.34
C ASP C 49 1.88 -19.43 -3.96
N GLY C 50 1.71 -18.95 -2.74
CA GLY C 50 2.41 -17.87 -2.14
C GLY C 50 1.95 -16.48 -2.56
N THR C 51 0.96 -16.40 -3.43
CA THR C 51 0.45 -15.12 -3.86
C THR C 51 -0.52 -14.54 -2.83
N VAL C 52 -0.70 -13.21 -2.90
CA VAL C 52 -1.60 -12.50 -2.02
C VAL C 52 -2.93 -12.25 -2.72
N ASN C 53 -3.98 -12.73 -2.12
CA ASN C 53 -5.28 -12.61 -2.67
C ASN C 53 -5.93 -11.21 -2.28
N ALA C 54 -7.13 -10.95 -2.80
CA ALA C 54 -7.70 -9.60 -2.80
C ALA C 54 -8.14 -9.17 -1.44
N PRO C 55 -7.82 -7.93 -1.09
CA PRO C 55 -8.49 -7.29 0.01
C PRO C 55 -9.88 -6.78 -0.42
N LEU C 56 -10.63 -6.22 0.51
CA LEU C 56 -11.88 -5.51 0.17
C LEU C 56 -11.73 -4.15 0.90
N TYR C 57 -11.49 -3.11 0.10
CA TYR C 57 -11.40 -1.79 0.62
C TYR C 57 -12.68 -1.04 0.21
N GLU C 58 -13.30 -0.38 1.17
CA GLU C 58 -14.59 0.32 0.98
C GLU C 58 -14.31 1.82 0.93
N VAL C 59 -14.74 2.46 -0.11
CA VAL C 59 -14.69 3.94 -0.23
C VAL C 59 -16.04 4.42 -0.72
N GLY C 60 -16.78 5.10 0.14
CA GLY C 60 -18.16 5.48 -0.20
C GLY C 60 -18.94 4.23 -0.43
N THR C 61 -19.63 4.13 -1.55
CA THR C 61 -20.40 2.92 -1.82
C THR C 61 -19.65 2.00 -2.73
N GLY C 62 -18.39 2.34 -3.06
CA GLY C 62 -17.54 1.48 -3.91
C GLY C 62 -16.72 0.49 -3.13
N ILE C 63 -16.44 -0.65 -3.75
CA ILE C 63 -15.51 -1.66 -3.17
C ILE C 63 -14.35 -1.86 -4.14
N TYR C 64 -13.15 -2.06 -3.58
CA TYR C 64 -11.92 -2.09 -4.36
C TYR C 64 -10.97 -3.19 -3.90
N ASN C 65 -10.28 -3.76 -4.89
CA ASN C 65 -9.40 -4.91 -4.66
C ASN C 65 -7.93 -4.53 -4.74
N ASN C 66 -7.60 -3.24 -4.82
CA ASN C 66 -6.23 -2.85 -4.89
C ASN C 66 -6.13 -1.40 -4.33
N VAL C 67 -4.94 -1.04 -3.91
CA VAL C 67 -4.77 0.21 -3.21
C VAL C 67 -5.03 1.39 -4.14
N GLY C 68 -4.48 1.31 -5.37
CA GLY C 68 -4.63 2.41 -6.30
C GLY C 68 -6.09 2.79 -6.58
N SER C 69 -6.94 1.81 -6.81
CA SER C 69 -8.33 2.12 -7.10
C SER C 69 -9.06 2.76 -5.89
N ALA C 70 -8.69 2.35 -4.68
CA ALA C 70 -9.25 2.89 -3.45
C ALA C 70 -8.76 4.34 -3.31
N LEU C 71 -7.46 4.56 -3.49
CA LEU C 71 -6.88 5.91 -3.40
C LEU C 71 -7.56 6.84 -4.43
N SER C 72 -7.84 6.32 -5.61
CA SER C 72 -8.42 7.11 -6.66
C SER C 72 -9.86 7.50 -6.32
N ALA C 73 -10.58 6.56 -5.72
CA ALA C 73 -11.96 6.79 -5.26
C ALA C 73 -11.96 7.90 -4.18
N LEU C 74 -11.01 7.82 -3.25
CA LEU C 74 -10.85 8.85 -2.23
C LEU C 74 -10.54 10.19 -2.83
N ASN C 75 -9.64 10.17 -3.79
CA ASN C 75 -9.21 11.38 -4.41
C ASN C 75 -10.42 12.06 -5.13
N THR C 76 -11.20 11.28 -5.87
CA THR C 76 -12.36 11.83 -6.56
C THR C 76 -13.32 12.45 -5.57
N SER C 77 -13.60 11.74 -4.48
CA SER C 77 -14.54 12.25 -3.50
C SER C 77 -13.99 13.54 -2.88
N MET C 78 -12.70 13.56 -2.58
CA MET C 78 -12.08 14.75 -2.00
C MET C 78 -12.18 15.93 -2.96
N LYS C 79 -11.96 15.71 -4.26
CA LYS C 79 -12.00 16.78 -5.19
C LYS C 79 -13.42 17.35 -5.25
N GLN C 80 -14.43 16.49 -5.18
CA GLN C 80 -15.84 16.92 -5.20
C GLN C 80 -16.15 17.81 -3.99
N ILE C 81 -15.61 17.46 -2.82
CA ILE C 81 -15.71 18.25 -1.62
C ILE C 81 -15.00 19.60 -1.77
N GLU C 82 -13.80 19.61 -2.36
CA GLU C 82 -13.08 20.84 -2.57
C GLU C 82 -13.90 21.76 -3.49
N ASP C 83 -14.46 21.22 -4.55
CA ASP C 83 -15.30 21.97 -5.47
C ASP C 83 -16.49 22.63 -4.77
N LYS C 84 -17.14 21.85 -3.95
CA LYS C 84 -18.31 22.30 -3.16
C LYS C 84 -17.88 23.37 -2.16
N ILE C 85 -16.74 23.21 -1.52
CA ILE C 85 -16.18 24.22 -0.63
C ILE C 85 -15.90 25.53 -1.36
N GLU C 86 -15.33 25.41 -2.55
CA GLU C 86 -15.07 26.54 -3.43
C GLU C 86 -16.42 27.30 -3.68
N GLU C 87 -17.48 26.58 -4.01
CA GLU C 87 -18.79 27.16 -4.28
C GLU C 87 -19.35 27.83 -3.01
N ILE C 88 -19.19 27.20 -1.86
CA ILE C 88 -19.72 27.71 -0.59
C ILE C 88 -19.03 29.03 -0.25
N LEU C 89 -17.72 29.04 -0.39
CA LEU C 89 -16.91 30.21 -0.08
C LEU C 89 -17.30 31.40 -0.99
N SER C 90 -17.52 31.14 -2.28
CA SER C 90 -17.96 32.14 -3.17
C SER C 90 -19.36 32.70 -2.76
N LYS C 91 -20.26 31.79 -2.41
CA LYS C 91 -21.58 32.19 -1.96
C LYS C 91 -21.52 33.10 -0.70
N ILE C 92 -20.66 32.74 0.24
CA ILE C 92 -20.55 33.47 1.49
CA ILE C 92 -20.52 33.45 1.50
C ILE C 92 -19.97 34.86 1.19
N TYR C 93 -18.96 34.97 0.30
CA TYR C 93 -18.41 36.26 -0.16
C TYR C 93 -19.55 37.15 -0.66
N HIS C 94 -20.44 36.59 -1.46
CA HIS C 94 -21.54 37.37 -2.04
C HIS C 94 -22.49 37.84 -0.96
N ILE C 95 -22.73 36.94 -0.01
CA ILE C 95 -23.64 37.24 1.12
C ILE C 95 -23.04 38.34 1.98
N GLU C 96 -21.73 38.28 2.23
CA GLU C 96 -21.10 39.34 3.00
C GLU C 96 -21.27 40.70 2.29
N ASN C 97 -21.06 40.70 0.99
CA ASN C 97 -21.22 41.93 0.20
C ASN C 97 -22.63 42.47 0.27
N GLU C 98 -23.65 41.60 0.18
CA GLU C 98 -25.05 42.04 0.26
C GLU C 98 -25.33 42.65 1.63
N ILE C 99 -24.80 42.07 2.68
CA ILE C 99 -24.96 42.64 4.03
C ILE C 99 -24.28 43.97 4.19
N ALA C 100 -23.08 44.11 3.67
CA ALA C 100 -22.37 45.40 3.75
C ALA C 100 -23.15 46.49 3.04
N ARG C 101 -23.80 46.13 1.94
CA ARG C 101 -24.57 47.04 1.17
C ARG C 101 -25.84 47.46 1.93
N ILE C 102 -26.53 46.50 2.50
CA ILE C 102 -27.70 46.78 3.28
C ILE C 102 -27.34 47.69 4.48
N LYS C 103 -26.24 47.39 5.14
CA LYS C 103 -25.91 48.10 6.37
C LYS C 103 -25.68 49.57 6.04
N LYS C 104 -25.04 49.82 4.90
CA LYS C 104 -24.76 51.16 4.41
C LYS C 104 -26.02 51.98 4.20
N LEU C 105 -27.04 51.34 3.66
CA LEU C 105 -28.23 52.02 3.13
C LEU C 105 -29.33 52.24 4.14
N ILE C 106 -29.31 51.50 5.22
CA ILE C 106 -30.41 51.60 6.23
C ILE C 106 -30.11 52.64 7.34
#